data_5TGN
#
_entry.id   5TGN
#
_cell.length_a   90.178
_cell.length_b   66.907
_cell.length_c   90.635
_cell.angle_alpha   90.00
_cell.angle_beta   101.41
_cell.angle_gamma   90.00
#
_symmetry.space_group_name_H-M   'C 1 2 1'
#
loop_
_entity.id
_entity.type
_entity.pdbx_description
1 polymer 'Uncharacterized protein'
2 non-polymer GLYCEROL
3 non-polymer 'CHLORIDE ION'
4 water water
#
_entity_poly.entity_id   1
_entity_poly.type   'polypeptide(L)'
_entity_poly.pdbx_seq_one_letter_code
;SNA(MSE)AAIDLAREYISRVNGRDGSGAAALFAQDGEIIAPVGRVYRGWDAIAAFIEAAPPATTAQIAERT(MSE)GTH
RVVLHGVVQTPRFAPAQIEWIFDVDGDRIRRLTINHLRD
;
_entity_poly.pdbx_strand_id   A,B,C,D
#
loop_
_chem_comp.id
_chem_comp.type
_chem_comp.name
_chem_comp.formula
CL non-polymer 'CHLORIDE ION' 'Cl -1'
GOL non-polymer GLYCEROL 'C3 H8 O3'
#
# COMPACT_ATOMS: atom_id res chain seq x y z
N ALA A 3 -17.54 10.09 -27.15
CA ALA A 3 -17.10 11.02 -26.10
C ALA A 3 -17.76 10.69 -24.76
N MSE A 4 -17.01 10.08 -23.86
CA MSE A 4 -17.54 9.67 -22.57
C MSE A 4 -17.42 10.77 -21.52
O MSE A 4 -16.39 11.44 -21.42
CB MSE A 4 -16.85 8.41 -22.09
CG MSE A 4 -17.36 7.14 -22.71
SE MSE A 4 -16.33 5.64 -22.01
CE MSE A 4 -15.08 5.42 -23.50
N ALA A 5 -18.49 10.95 -20.73
CA ALA A 5 -18.43 11.88 -19.62
C ALA A 5 -17.61 11.28 -18.47
N ALA A 6 -17.28 12.12 -17.49
CA ALA A 6 -16.41 11.67 -16.41
C ALA A 6 -17.04 10.51 -15.65
N ILE A 7 -18.35 10.58 -15.37
CA ILE A 7 -18.98 9.47 -14.65
C ILE A 7 -18.94 8.19 -15.48
N ASP A 8 -19.07 8.31 -16.82
CA ASP A 8 -18.94 7.15 -17.70
C ASP A 8 -17.55 6.54 -17.63
N LEU A 9 -16.50 7.39 -17.65
CA LEU A 9 -15.14 6.88 -17.55
C LEU A 9 -14.93 6.15 -16.22
N ALA A 10 -15.43 6.74 -15.14
CA ALA A 10 -15.25 6.13 -13.82
C ALA A 10 -15.93 4.76 -13.75
N ARG A 11 -17.20 4.68 -14.19
CA ARG A 11 -17.90 3.40 -14.16
C ARG A 11 -17.21 2.37 -15.05
N GLU A 12 -16.75 2.80 -16.22
CA GLU A 12 -16.08 1.87 -17.13
C GLU A 12 -14.75 1.39 -16.53
N TYR A 13 -14.05 2.28 -15.82
CA TYR A 13 -12.82 1.86 -15.15
C TYR A 13 -13.10 0.72 -14.19
N ILE A 14 -14.13 0.86 -13.36
CA ILE A 14 -14.49 -0.23 -12.45
C ILE A 14 -14.85 -1.49 -13.24
N SER A 15 -15.59 -1.34 -14.34
CA SER A 15 -15.98 -2.54 -15.07
C SER A 15 -14.76 -3.25 -15.63
N ARG A 16 -13.79 -2.48 -16.12
CA ARG A 16 -12.59 -3.05 -16.73
C ARG A 16 -11.70 -3.74 -15.69
N VAL A 17 -11.59 -3.15 -14.51
CA VAL A 17 -10.81 -3.78 -13.44
C VAL A 17 -11.47 -5.06 -12.95
N ASN A 18 -12.81 -5.09 -12.82
CA ASN A 18 -13.48 -6.36 -12.52
C ASN A 18 -13.21 -7.42 -13.58
N GLY A 19 -12.99 -7.00 -14.82
CA GLY A 19 -12.66 -7.94 -15.87
C GLY A 19 -11.19 -8.25 -16.02
N ARG A 20 -10.37 -7.80 -15.07
CA ARG A 20 -8.91 -7.96 -15.09
C ARG A 20 -8.26 -7.31 -16.32
N ASP A 21 -8.97 -6.38 -16.96
CA ASP A 21 -8.64 -5.94 -18.31
C ASP A 21 -7.75 -4.71 -18.20
N GLY A 22 -6.44 -4.94 -18.04
CA GLY A 22 -5.52 -3.81 -17.85
C GLY A 22 -5.45 -2.90 -19.06
N SER A 23 -5.50 -3.46 -20.27
CA SER A 23 -5.43 -2.63 -21.47
C SER A 23 -6.69 -1.79 -21.63
N GLY A 24 -7.85 -2.38 -21.42
CA GLY A 24 -9.06 -1.62 -21.58
C GLY A 24 -9.15 -0.52 -20.54
N ALA A 25 -8.65 -0.80 -19.34
CA ALA A 25 -8.65 0.27 -18.33
C ALA A 25 -7.64 1.36 -18.69
N ALA A 26 -6.46 0.97 -19.16
CA ALA A 26 -5.46 1.96 -19.55
C ALA A 26 -5.97 2.87 -20.67
N ALA A 27 -6.73 2.31 -21.62
CA ALA A 27 -7.28 3.13 -22.70
C ALA A 27 -8.20 4.26 -22.21
N LEU A 28 -8.70 4.18 -20.96
CA LEU A 28 -9.46 5.28 -20.41
C LEU A 28 -8.61 6.46 -19.97
N PHE A 29 -7.29 6.33 -19.96
CA PHE A 29 -6.44 7.39 -19.44
C PHE A 29 -5.79 8.16 -20.58
N ALA A 30 -5.49 9.44 -20.32
CA ALA A 30 -4.60 10.20 -21.17
C ALA A 30 -3.24 9.53 -21.24
N GLN A 31 -2.51 9.84 -22.32
CA GLN A 31 -1.19 9.24 -22.52
C GLN A 31 -0.27 9.52 -21.35
N ASP A 32 -0.36 10.71 -20.77
CA ASP A 32 0.39 11.05 -19.57
C ASP A 32 -0.48 10.98 -18.31
N GLY A 33 -1.58 10.24 -18.36
CA GLY A 33 -2.41 10.07 -17.20
C GLY A 33 -1.73 9.16 -16.19
N GLU A 34 -2.29 9.09 -14.98
CA GLU A 34 -1.61 8.33 -13.96
C GLU A 34 -2.56 7.79 -12.91
N ILE A 35 -2.09 6.74 -12.22
CA ILE A 35 -2.73 6.23 -11.02
C ILE A 35 -1.79 6.47 -9.85
N ILE A 36 -2.31 7.02 -8.76
CA ILE A 36 -1.55 7.14 -7.52
C ILE A 36 -2.15 6.13 -6.56
N ALA A 37 -1.31 5.25 -6.05
CA ALA A 37 -1.85 4.16 -5.25
C ALA A 37 -0.90 3.92 -4.10
N PRO A 38 -1.26 3.13 -3.08
CA PRO A 38 -0.33 2.89 -1.97
C PRO A 38 1.00 2.29 -2.44
N VAL A 39 2.10 2.68 -1.81
CA VAL A 39 2.20 3.78 -0.85
C VAL A 39 2.97 4.88 -1.57
N GLY A 40 2.27 5.90 -2.06
CA GLY A 40 2.94 6.91 -2.86
C GLY A 40 3.44 6.42 -4.21
N ARG A 41 2.91 5.32 -4.72
CA ARG A 41 3.33 4.82 -6.03
C ARG A 41 2.55 5.55 -7.12
N VAL A 42 3.25 6.07 -8.12
CA VAL A 42 2.61 6.79 -9.20
C VAL A 42 2.88 6.01 -10.49
N TYR A 43 1.84 5.44 -11.08
CA TYR A 43 1.96 4.70 -12.33
C TYR A 43 1.55 5.66 -13.45
N ARG A 44 2.53 6.17 -14.21
CA ARG A 44 2.25 7.16 -15.23
C ARG A 44 2.34 6.54 -16.62
N GLY A 45 1.31 6.75 -17.42
CA GLY A 45 1.30 6.22 -18.77
C GLY A 45 0.67 4.84 -18.85
N TRP A 46 0.30 4.48 -20.08
CA TRP A 46 -0.53 3.30 -20.31
C TRP A 46 0.14 2.00 -19.84
N ASP A 47 1.41 1.80 -20.17
CA ASP A 47 2.04 0.52 -19.80
C ASP A 47 2.12 0.38 -18.29
N ALA A 48 2.49 1.45 -17.59
CA ALA A 48 2.58 1.38 -16.14
C ALA A 48 1.23 1.14 -15.50
N ILE A 49 0.19 1.83 -15.98
CA ILE A 49 -1.15 1.60 -15.50
C ILE A 49 -1.55 0.16 -15.73
N ALA A 50 -1.28 -0.38 -16.93
CA ALA A 50 -1.63 -1.77 -17.20
C ALA A 50 -0.95 -2.70 -16.23
N ALA A 51 0.32 -2.43 -15.91
CA ALA A 51 1.07 -3.29 -14.98
C ALA A 51 0.46 -3.25 -13.59
N PHE A 52 0.10 -2.04 -13.11
CA PHE A 52 -0.54 -1.94 -11.82
C PHE A 52 -1.80 -2.77 -11.75
N ILE A 53 -2.65 -2.65 -12.77
CA ILE A 53 -3.92 -3.36 -12.78
C ILE A 53 -3.72 -4.86 -12.84
N GLU A 54 -2.78 -5.32 -13.67
CA GLU A 54 -2.49 -6.74 -13.78
C GLU A 54 -1.90 -7.32 -12.48
N ALA A 55 -1.31 -6.48 -11.63
CA ALA A 55 -0.74 -6.97 -10.38
C ALA A 55 -1.77 -7.23 -9.28
N ALA A 56 -3.04 -6.84 -9.49
CA ALA A 56 -4.10 -7.05 -8.50
C ALA A 56 -4.43 -8.53 -8.33
N PRO A 57 -4.79 -8.94 -7.12
CA PRO A 57 -5.32 -10.31 -6.94
C PRO A 57 -6.69 -10.44 -7.58
N PRO A 58 -7.12 -11.66 -7.95
CA PRO A 58 -8.55 -11.86 -8.24
C PRO A 58 -9.41 -11.21 -7.19
N ALA A 59 -10.30 -10.32 -7.64
CA ALA A 59 -11.12 -9.53 -6.73
C ALA A 59 -12.34 -9.06 -7.52
N THR A 60 -13.42 -8.77 -6.80
CA THR A 60 -14.55 -8.11 -7.42
C THR A 60 -14.83 -6.81 -6.68
N THR A 61 -15.16 -5.77 -7.45
CA THR A 61 -15.41 -4.43 -6.94
C THR A 61 -16.89 -4.12 -7.12
N ALA A 62 -17.61 -3.98 -6.01
CA ALA A 62 -19.06 -3.82 -6.05
C ALA A 62 -19.49 -2.81 -4.98
N GLN A 63 -20.81 -2.75 -4.76
CA GLN A 63 -21.45 -1.77 -3.86
C GLN A 63 -20.90 -0.37 -4.09
N ILE A 64 -20.86 0.03 -5.36
CA ILE A 64 -20.33 1.34 -5.72
C ILE A 64 -21.35 2.42 -5.34
N ALA A 65 -20.90 3.40 -4.57
CA ALA A 65 -21.68 4.60 -4.34
C ALA A 65 -20.96 5.75 -5.04
N GLU A 66 -21.70 6.45 -5.88
CA GLU A 66 -21.16 7.60 -6.60
C GLU A 66 -21.31 8.79 -5.66
N ARG A 67 -20.21 9.14 -4.97
CA ARG A 67 -20.25 10.21 -3.97
C ARG A 67 -20.20 11.60 -4.59
N THR A 68 -19.42 11.78 -5.65
CA THR A 68 -19.27 13.05 -6.35
C THR A 68 -19.37 12.73 -7.83
N MSE A 69 -20.17 13.49 -8.56
CA MSE A 69 -20.10 13.41 -10.00
C MSE A 69 -20.29 14.78 -10.63
O MSE A 69 -21.20 15.55 -10.28
CB MSE A 69 -21.11 12.40 -10.53
CG MSE A 69 -22.28 12.97 -11.29
SE MSE A 69 -23.58 11.56 -11.59
CE MSE A 69 -23.32 10.53 -9.94
N GLY A 70 -19.36 15.11 -11.51
CA GLY A 70 -19.36 16.35 -12.23
C GLY A 70 -18.64 16.16 -13.54
N THR A 71 -18.54 17.24 -14.31
CA THR A 71 -17.92 17.16 -15.63
C THR A 71 -16.46 16.71 -15.56
N HIS A 72 -15.75 17.07 -14.48
CA HIS A 72 -14.32 16.87 -14.45
C HIS A 72 -13.81 16.12 -13.23
N ARG A 73 -14.67 15.75 -12.28
CA ARG A 73 -14.17 15.00 -11.14
C ARG A 73 -15.24 14.01 -10.69
N VAL A 74 -14.81 12.79 -10.37
CA VAL A 74 -15.73 11.78 -9.84
C VAL A 74 -15.09 11.12 -8.62
N VAL A 75 -15.87 10.96 -7.55
CA VAL A 75 -15.47 10.14 -6.42
C VAL A 75 -16.43 8.95 -6.32
N LEU A 76 -15.88 7.74 -6.38
CA LEU A 76 -16.64 6.52 -6.08
C LEU A 76 -16.13 5.91 -4.78
N HIS A 77 -17.05 5.40 -3.98
CA HIS A 77 -16.72 4.53 -2.86
C HIS A 77 -17.21 3.13 -3.17
N GLY A 78 -16.45 2.12 -2.76
CA GLY A 78 -16.85 0.77 -3.11
C GLY A 78 -16.24 -0.24 -2.16
N VAL A 79 -16.64 -1.49 -2.35
CA VAL A 79 -16.16 -2.61 -1.53
C VAL A 79 -15.44 -3.54 -2.50
N VAL A 80 -14.21 -3.90 -2.19
CA VAL A 80 -13.45 -4.88 -2.96
C VAL A 80 -13.40 -6.19 -2.18
N GLN A 81 -13.96 -7.26 -2.75
CA GLN A 81 -13.91 -8.57 -2.13
C GLN A 81 -12.98 -9.50 -2.89
N THR A 82 -12.36 -10.41 -2.15
CA THR A 82 -11.41 -11.39 -2.66
C THR A 82 -11.72 -12.77 -2.09
N PRO A 83 -11.11 -13.82 -2.64
CA PRO A 83 -11.36 -15.18 -2.13
C PRO A 83 -11.02 -15.38 -0.67
N ARG A 84 -10.00 -14.70 -0.15
CA ARG A 84 -9.54 -15.03 1.20
C ARG A 84 -9.42 -13.81 2.10
N PHE A 85 -9.21 -12.62 1.55
CA PHE A 85 -8.95 -11.48 2.43
C PHE A 85 -10.26 -10.79 2.82
N ALA A 86 -10.18 -9.94 3.85
CA ALA A 86 -11.35 -9.23 4.33
C ALA A 86 -11.79 -8.20 3.28
N PRO A 87 -13.10 -7.93 3.20
CA PRO A 87 -13.57 -6.87 2.29
C PRO A 87 -12.85 -5.57 2.59
N ALA A 88 -12.52 -4.83 1.55
CA ALA A 88 -11.84 -3.56 1.70
C ALA A 88 -12.74 -2.43 1.19
N GLN A 89 -12.84 -1.36 1.98
CA GLN A 89 -13.55 -0.14 1.60
C GLN A 89 -12.58 0.75 0.84
N ILE A 90 -12.95 1.13 -0.39
CA ILE A 90 -12.02 1.83 -1.26
C ILE A 90 -12.69 3.09 -1.81
N GLU A 91 -11.91 4.15 -1.93
CA GLU A 91 -12.35 5.38 -2.56
C GLU A 91 -11.52 5.61 -3.81
N TRP A 92 -12.18 5.84 -4.95
CA TRP A 92 -11.53 6.15 -6.22
C TRP A 92 -11.83 7.61 -6.57
N ILE A 93 -10.80 8.42 -6.73
CA ILE A 93 -10.99 9.83 -7.10
C ILE A 93 -10.47 10.01 -8.51
N PHE A 94 -11.36 10.31 -9.47
CA PHE A 94 -10.99 10.46 -10.87
C PHE A 94 -10.96 11.95 -11.22
N ASP A 95 -9.83 12.44 -11.74
CA ASP A 95 -9.74 13.75 -12.38
C ASP A 95 -9.75 13.55 -13.88
N VAL A 96 -10.69 14.21 -14.57
CA VAL A 96 -10.97 13.96 -15.98
C VAL A 96 -10.78 15.26 -16.76
N ASP A 97 -10.18 15.15 -17.95
CA ASP A 97 -10.10 16.27 -18.85
C ASP A 97 -10.08 15.75 -20.28
N GLY A 98 -10.79 16.45 -21.17
CA GLY A 98 -10.78 16.06 -22.57
C GLY A 98 -11.21 14.62 -22.80
N ASP A 99 -12.23 14.17 -22.07
CA ASP A 99 -12.84 12.84 -22.12
C ASP A 99 -11.85 11.70 -21.82
N ARG A 100 -10.77 11.95 -21.10
CA ARG A 100 -9.96 10.87 -20.55
C ARG A 100 -9.63 11.18 -19.10
N ILE A 101 -9.19 10.14 -18.38
CA ILE A 101 -8.74 10.28 -16.99
C ILE A 101 -7.32 10.83 -16.99
N ARG A 102 -7.13 11.97 -16.34
CA ARG A 102 -5.80 12.51 -16.14
C ARG A 102 -5.17 11.90 -14.89
N ARG A 103 -5.94 11.67 -13.85
CA ARG A 103 -5.37 11.06 -12.67
C ARG A 103 -6.45 10.29 -11.93
N LEU A 104 -6.07 9.10 -11.46
CA LEU A 104 -6.91 8.34 -10.56
C LEU A 104 -6.14 8.16 -9.26
N THR A 105 -6.72 8.62 -8.14
CA THR A 105 -6.13 8.43 -6.81
C THR A 105 -6.93 7.36 -6.08
N ILE A 106 -6.26 6.38 -5.49
CA ILE A 106 -6.95 5.26 -4.86
C ILE A 106 -6.65 5.27 -3.36
N ASN A 107 -7.64 5.63 -2.55
CA ASN A 107 -7.48 5.71 -1.10
C ASN A 107 -8.19 4.55 -0.44
N HIS A 108 -7.48 3.82 0.41
CA HIS A 108 -8.14 2.85 1.28
C HIS A 108 -8.85 3.59 2.40
N LEU A 109 -10.12 3.26 2.62
CA LEU A 109 -10.92 3.81 3.69
C LEU A 109 -10.87 2.88 4.90
N ARG A 110 -11.32 3.40 6.05
CA ARG A 110 -11.41 2.59 7.26
C ARG A 110 -12.33 1.39 7.01
N ASP A 111 -11.95 0.24 7.59
CA ASP A 111 -12.67 -1.02 7.42
C ASP A 111 -14.11 -0.90 7.89
N MSE B 4 26.84 -14.50 -7.54
CA MSE B 4 26.36 -13.61 -6.49
C MSE B 4 25.54 -14.34 -5.41
O MSE B 4 24.53 -14.98 -5.70
CB MSE B 4 25.51 -12.48 -7.08
CG MSE B 4 26.27 -11.15 -7.21
SE MSE B 4 25.13 -9.64 -7.72
CE MSE B 4 24.59 -10.28 -9.49
N ALA B 5 26.00 -14.25 -4.16
CA ALA B 5 25.26 -14.82 -3.04
C ALA B 5 23.98 -14.04 -2.80
N ALA B 6 23.11 -14.62 -1.97
CA ALA B 6 21.82 -13.99 -1.69
C ALA B 6 22.01 -12.60 -1.10
N ILE B 7 22.96 -12.46 -0.16
CA ILE B 7 23.20 -11.16 0.49
C ILE B 7 23.69 -10.13 -0.51
N ASP B 8 24.42 -10.57 -1.55
CA ASP B 8 24.91 -9.65 -2.56
C ASP B 8 23.78 -9.21 -3.47
N LEU B 9 22.89 -10.13 -3.82
CA LEU B 9 21.70 -9.76 -4.59
C LEU B 9 20.87 -8.75 -3.82
N ALA B 10 20.69 -8.98 -2.52
CA ALA B 10 19.87 -8.08 -1.71
C ALA B 10 20.49 -6.69 -1.65
N ARG B 11 21.80 -6.63 -1.39
CA ARG B 11 22.52 -5.36 -1.37
C ARG B 11 22.46 -4.66 -2.73
N GLU B 12 22.66 -5.42 -3.82
CA GLU B 12 22.61 -4.83 -5.15
C GLU B 12 21.20 -4.33 -5.50
N TYR B 13 20.15 -5.01 -5.04
CA TYR B 13 18.80 -4.51 -5.25
C TYR B 13 18.63 -3.13 -4.61
N ILE B 14 19.03 -2.99 -3.35
CA ILE B 14 18.91 -1.70 -2.68
C ILE B 14 19.71 -0.64 -3.42
N SER B 15 20.94 -0.99 -3.84
CA SER B 15 21.76 -0.05 -4.61
C SER B 15 21.07 0.38 -5.90
N ARG B 16 20.42 -0.55 -6.60
CA ARG B 16 19.82 -0.21 -7.89
C ARG B 16 18.50 0.55 -7.73
N VAL B 17 17.74 0.28 -6.68
CA VAL B 17 16.54 1.07 -6.45
C VAL B 17 16.92 2.50 -6.04
N ASN B 18 17.96 2.64 -5.21
CA ASN B 18 18.49 3.97 -4.91
C ASN B 18 18.92 4.69 -6.17
N GLY B 19 19.33 3.96 -7.21
CA GLY B 19 19.64 4.62 -8.45
C GLY B 19 18.44 4.87 -9.33
N ARG B 20 17.24 4.55 -8.85
CA ARG B 20 16.02 4.65 -9.64
C ARG B 20 16.14 3.86 -10.94
N ASP B 21 16.81 2.71 -10.87
CA ASP B 21 17.14 1.90 -12.05
C ASP B 21 16.23 0.67 -12.09
N GLY B 22 15.02 0.88 -12.64
CA GLY B 22 14.05 -0.21 -12.73
C GLY B 22 14.59 -1.41 -13.50
N SER B 23 15.18 -1.15 -14.67
CA SER B 23 15.72 -2.21 -15.51
C SER B 23 16.81 -3.01 -14.80
N GLY B 24 17.74 -2.30 -14.15
CA GLY B 24 18.85 -3.00 -13.50
C GLY B 24 18.39 -3.79 -12.30
N ALA B 25 17.50 -3.22 -11.51
CA ALA B 25 16.92 -3.97 -10.39
C ALA B 25 16.19 -5.21 -10.88
N ALA B 26 15.44 -5.11 -11.97
CA ALA B 26 14.68 -6.26 -12.44
C ALA B 26 15.59 -7.40 -12.92
N ALA B 27 16.74 -7.08 -13.51
CA ALA B 27 17.65 -8.12 -13.97
C ALA B 27 18.21 -8.97 -12.83
N LEU B 28 18.04 -8.54 -11.58
CA LEU B 28 18.42 -9.37 -10.45
C LEU B 28 17.42 -10.50 -10.21
N PHE B 29 16.25 -10.46 -10.84
CA PHE B 29 15.22 -11.44 -10.58
C PHE B 29 15.26 -12.55 -11.62
N ALA B 30 14.77 -13.72 -11.23
CA ALA B 30 14.48 -14.74 -12.22
C ALA B 30 13.46 -14.19 -13.22
N GLN B 31 13.35 -14.87 -14.37
CA GLN B 31 12.44 -14.41 -15.43
C GLN B 31 10.98 -14.47 -14.99
N ASP B 32 10.66 -15.38 -14.07
CA ASP B 32 9.33 -15.46 -13.49
C ASP B 32 9.32 -15.02 -12.02
N GLY B 33 10.37 -14.34 -11.59
CA GLY B 33 10.43 -13.83 -10.24
C GLY B 33 9.40 -12.74 -10.02
N GLU B 34 9.20 -12.38 -8.76
CA GLU B 34 8.10 -11.46 -8.48
C GLU B 34 8.43 -10.58 -7.28
N ILE B 35 7.77 -9.42 -7.25
CA ILE B 35 7.72 -8.59 -6.06
C ILE B 35 6.30 -8.60 -5.51
N ILE B 36 6.15 -8.78 -4.20
CA ILE B 36 4.85 -8.67 -3.56
C ILE B 36 4.88 -7.41 -2.73
N ALA B 37 3.94 -6.50 -2.98
CA ALA B 37 4.04 -5.19 -2.40
C ALA B 37 2.65 -4.72 -1.98
N PRO B 38 2.51 -3.64 -1.21
CA PRO B 38 1.17 -3.19 -0.81
C PRO B 38 0.32 -2.83 -2.03
N VAL B 39 -0.97 -3.15 -1.98
CA VAL B 39 -1.60 -4.01 -0.98
C VAL B 39 -1.92 -5.31 -1.67
N GLY B 40 -1.17 -6.37 -1.40
CA GLY B 40 -1.40 -7.60 -2.16
C GLY B 40 -1.13 -7.51 -3.66
N ARG B 41 -0.34 -6.54 -4.10
CA ARG B 41 0.02 -6.42 -5.51
C ARG B 41 1.21 -7.33 -5.82
N VAL B 42 1.11 -8.12 -6.88
CA VAL B 42 2.18 -9.02 -7.24
C VAL B 42 2.70 -8.62 -8.62
N TYR B 43 3.95 -8.18 -8.67
CA TYR B 43 4.61 -7.76 -9.92
C TYR B 43 5.51 -8.90 -10.36
N ARG B 44 5.07 -9.64 -11.39
CA ARG B 44 5.77 -10.83 -11.83
C ARG B 44 6.43 -10.58 -13.18
N GLY B 45 7.71 -10.87 -13.26
CA GLY B 45 8.39 -10.72 -14.53
C GLY B 45 9.11 -9.39 -14.62
N TRP B 46 10.08 -9.33 -15.54
CA TRP B 46 10.98 -8.19 -15.59
C TRP B 46 10.24 -6.89 -15.88
N ASP B 47 9.33 -6.90 -16.85
CA ASP B 47 8.59 -5.68 -17.20
C ASP B 47 7.81 -5.17 -15.99
N ALA B 48 7.09 -6.06 -15.32
CA ALA B 48 6.22 -5.63 -14.23
C ALA B 48 7.03 -5.11 -13.05
N ILE B 49 8.17 -5.74 -12.76
CA ILE B 49 9.03 -5.31 -11.65
C ILE B 49 9.62 -3.94 -11.93
N ALA B 50 10.07 -3.70 -13.18
CA ALA B 50 10.60 -2.39 -13.54
C ALA B 50 9.54 -1.33 -13.38
N ALA B 51 8.29 -1.63 -13.78
CA ALA B 51 7.21 -0.66 -13.61
C ALA B 51 6.97 -0.33 -12.14
N PHE B 52 6.97 -1.34 -11.27
CA PHE B 52 6.79 -1.08 -9.85
C PHE B 52 7.90 -0.17 -9.35
N ILE B 53 9.16 -0.48 -9.70
N ILE B 53 9.15 -0.46 -9.72
CA ILE B 53 10.30 0.30 -9.23
CA ILE B 53 10.28 0.32 -9.20
C ILE B 53 10.21 1.74 -9.72
C ILE B 53 10.25 1.75 -9.73
N GLU B 54 9.88 1.93 -11.00
CA GLU B 54 9.84 3.27 -11.57
C GLU B 54 8.69 4.11 -11.02
N ALA B 55 7.67 3.47 -10.45
CA ALA B 55 6.58 4.19 -9.78
C ALA B 55 6.95 4.73 -8.40
N ALA B 56 8.15 4.43 -7.89
CA ALA B 56 8.50 4.83 -6.53
C ALA B 56 8.66 6.35 -6.43
N PRO B 57 8.32 6.94 -5.29
CA PRO B 57 8.72 8.32 -5.05
C PRO B 57 10.24 8.44 -5.07
N PRO B 58 10.76 9.57 -5.52
CA PRO B 58 12.18 9.87 -5.24
C PRO B 58 12.46 9.72 -3.75
N ALA B 59 13.52 9.00 -3.42
CA ALA B 59 13.74 8.53 -2.05
C ALA B 59 15.15 7.98 -1.94
N THR B 60 15.66 7.94 -0.71
CA THR B 60 16.87 7.19 -0.42
C THR B 60 16.57 6.12 0.60
N THR B 61 17.20 4.97 0.42
CA THR B 61 16.97 3.77 1.21
C THR B 61 18.28 3.47 1.90
N ALA B 62 18.32 3.65 3.22
CA ALA B 62 19.60 3.58 3.94
C ALA B 62 19.38 2.98 5.33
N GLN B 63 20.35 3.18 6.21
CA GLN B 63 20.33 2.60 7.54
C GLN B 63 19.98 1.11 7.48
N ILE B 64 20.61 0.41 6.53
CA ILE B 64 20.30 -0.99 6.29
C ILE B 64 20.84 -1.83 7.44
N ALA B 65 19.97 -2.66 8.03
CA ALA B 65 20.36 -3.71 8.95
C ALA B 65 20.09 -5.07 8.32
N GLU B 66 21.10 -5.94 8.34
CA GLU B 66 20.93 -7.30 7.86
C GLU B 66 20.40 -8.14 9.02
N ARG B 67 19.12 -8.50 8.95
CA ARG B 67 18.44 -9.22 10.04
C ARG B 67 18.59 -10.73 9.92
N THR B 68 18.34 -11.27 8.73
CA THR B 68 18.55 -12.68 8.43
C THR B 68 19.47 -12.75 7.24
N MSE B 69 20.45 -13.65 7.29
CA MSE B 69 21.17 -13.91 6.07
C MSE B 69 21.55 -15.36 5.94
O MSE B 69 22.05 -16.00 6.89
CB MSE B 69 22.39 -12.98 5.97
CG MSE B 69 23.53 -13.29 6.88
SE MSE B 69 25.13 -13.05 5.83
CE MSE B 69 24.96 -14.54 4.56
N GLY B 70 21.28 -15.89 4.76
CA GLY B 70 21.55 -17.27 4.48
C GLY B 70 21.86 -17.47 3.02
N THR B 71 22.02 -18.72 2.63
CA THR B 71 22.26 -19.02 1.22
C THR B 71 21.04 -18.71 0.37
N HIS B 72 19.83 -18.86 0.94
CA HIS B 72 18.60 -18.78 0.17
C HIS B 72 17.58 -17.75 0.66
N ARG B 73 17.78 -17.12 1.80
CA ARG B 73 16.85 -16.11 2.30
C ARG B 73 17.65 -15.01 2.96
N VAL B 74 17.31 -13.77 2.66
CA VAL B 74 17.87 -12.60 3.30
C VAL B 74 16.71 -11.70 3.71
N VAL B 75 16.78 -11.17 4.93
CA VAL B 75 15.87 -10.14 5.44
C VAL B 75 16.70 -8.92 5.79
N LEU B 76 16.38 -7.78 5.17
CA LEU B 76 16.97 -6.50 5.47
C LEU B 76 15.90 -5.63 6.10
N HIS B 77 16.29 -4.87 7.12
CA HIS B 77 15.50 -3.77 7.62
C HIS B 77 16.22 -2.47 7.29
N GLY B 78 15.42 -1.43 6.99
CA GLY B 78 16.00 -0.17 6.56
C GLY B 78 15.01 0.96 6.70
N VAL B 79 15.49 2.16 6.42
CA VAL B 79 14.69 3.37 6.50
C VAL B 79 14.67 4.02 5.12
N VAL B 80 13.48 4.28 4.62
CA VAL B 80 13.31 4.99 3.37
C VAL B 80 12.99 6.43 3.71
N GLN B 81 13.82 7.35 3.22
CA GLN B 81 13.58 8.77 3.43
C GLN B 81 13.24 9.47 2.13
N THR B 82 12.39 10.49 2.22
CA THR B 82 11.88 11.23 1.08
C THR B 82 11.90 12.72 1.38
N PRO B 83 11.82 13.56 0.35
CA PRO B 83 11.86 15.02 0.60
C PRO B 83 10.80 15.51 1.56
N ARG B 84 9.59 14.97 1.51
CA ARG B 84 8.50 15.54 2.26
C ARG B 84 7.88 14.59 3.27
N PHE B 85 7.98 13.28 3.09
CA PHE B 85 7.19 12.37 3.92
C PHE B 85 8.03 11.87 5.09
N ALA B 86 7.34 11.29 6.08
CA ALA B 86 8.04 10.84 7.28
C ALA B 86 8.92 9.64 6.93
N PRO B 87 10.01 9.44 7.69
CA PRO B 87 10.83 8.24 7.43
C PRO B 87 9.98 6.98 7.59
N ALA B 88 10.20 5.99 6.73
CA ALA B 88 9.42 4.75 6.75
C ALA B 88 10.34 3.58 7.08
N GLN B 89 9.95 2.76 8.05
CA GLN B 89 10.69 1.54 8.36
C GLN B 89 10.18 0.44 7.44
N ILE B 90 11.09 -0.22 6.72
CA ILE B 90 10.71 -1.18 5.70
C ILE B 90 11.45 -2.48 5.96
N GLU B 91 10.80 -3.59 5.68
CA GLU B 91 11.43 -4.91 5.67
C GLU B 91 11.36 -5.49 4.25
N TRP B 92 12.51 -5.88 3.72
CA TRP B 92 12.61 -6.59 2.45
C TRP B 92 12.97 -8.05 2.75
N ILE B 93 12.13 -8.99 2.28
CA ILE B 93 12.40 -10.42 2.43
C ILE B 93 12.70 -11.00 1.06
N PHE B 94 13.93 -11.45 0.85
CA PHE B 94 14.40 -11.95 -0.42
C PHE B 94 14.45 -13.47 -0.37
N ASP B 95 13.70 -14.12 -1.26
CA ASP B 95 13.85 -15.55 -1.50
C ASP B 95 14.72 -15.74 -2.74
N VAL B 96 15.85 -16.42 -2.58
CA VAL B 96 16.88 -16.51 -3.60
C VAL B 96 17.08 -17.97 -3.96
N ASP B 97 17.17 -18.24 -5.26
CA ASP B 97 17.42 -19.56 -5.75
C ASP B 97 18.24 -19.43 -7.02
N GLY B 98 19.38 -20.12 -7.06
CA GLY B 98 20.19 -20.17 -8.25
C GLY B 98 20.61 -18.81 -8.81
N ASP B 99 21.20 -17.96 -7.95
CA ASP B 99 21.89 -16.74 -8.36
C ASP B 99 20.90 -15.62 -8.70
N ARG B 100 19.61 -15.81 -8.49
CA ARG B 100 18.62 -14.79 -8.82
C ARG B 100 17.57 -14.71 -7.73
N ILE B 101 16.94 -13.55 -7.64
CA ILE B 101 15.83 -13.36 -6.71
C ILE B 101 14.58 -14.00 -7.31
N ARG B 102 13.94 -14.88 -6.54
CA ARG B 102 12.69 -15.52 -6.96
C ARG B 102 11.47 -14.73 -6.47
N ARG B 103 11.55 -14.23 -5.24
CA ARG B 103 10.48 -13.44 -4.65
C ARG B 103 11.10 -12.43 -3.71
N LEU B 104 10.61 -11.21 -3.80
CA LEU B 104 10.90 -10.16 -2.83
C LEU B 104 9.55 -9.74 -2.26
N THR B 105 9.40 -9.86 -0.94
CA THR B 105 8.24 -9.34 -0.23
C THR B 105 8.65 -8.08 0.52
N ILE B 106 7.85 -7.02 0.42
CA ILE B 106 8.20 -5.74 0.99
C ILE B 106 7.16 -5.41 2.06
N ASN B 107 7.56 -5.46 3.34
CA ASN B 107 6.66 -5.17 4.44
C ASN B 107 6.96 -3.80 5.03
N HIS B 108 5.93 -2.97 5.20
CA HIS B 108 6.10 -1.75 5.97
C HIS B 108 6.05 -2.11 7.45
N LEU B 109 7.03 -1.64 8.21
CA LEU B 109 7.08 -1.88 9.65
C LEU B 109 6.54 -0.67 10.40
N ARG B 110 6.16 -0.88 11.65
CA ARG B 110 5.67 0.21 12.50
C ARG B 110 6.66 1.37 12.53
N ASP B 111 6.14 2.58 12.68
CA ASP B 111 6.97 3.78 12.68
C ASP B 111 7.83 3.83 13.95
N MSE C 4 -11.87 32.29 8.81
CA MSE C 4 -10.78 31.88 7.93
C MSE C 4 -11.25 31.05 6.73
O MSE C 4 -11.73 29.92 6.89
CB MSE C 4 -9.72 31.10 8.72
CG MSE C 4 -8.49 31.93 9.11
SE MSE C 4 -6.88 30.86 9.47
CE MSE C 4 -5.54 32.31 9.52
N ALA C 5 -11.11 31.60 5.53
CA ALA C 5 -11.49 30.93 4.29
C ALA C 5 -10.53 29.78 3.99
N ALA C 6 -10.93 28.91 3.05
CA ALA C 6 -10.10 27.76 2.71
C ALA C 6 -8.70 28.18 2.28
N ILE C 7 -8.59 29.22 1.47
CA ILE C 7 -7.27 29.69 1.05
C ILE C 7 -6.48 30.20 2.24
N ASP C 8 -7.16 30.82 3.22
CA ASP C 8 -6.43 31.26 4.41
C ASP C 8 -5.96 30.08 5.25
N LEU C 9 -6.74 29.00 5.30
CA LEU C 9 -6.30 27.84 6.07
C LEU C 9 -5.10 27.19 5.41
N ALA C 10 -5.15 27.09 4.08
CA ALA C 10 -4.06 26.48 3.34
C ALA C 10 -2.77 27.26 3.54
N ARG C 11 -2.86 28.60 3.49
CA ARG C 11 -1.66 29.42 3.65
C ARG C 11 -1.14 29.32 5.08
N GLU C 12 -2.05 29.26 6.05
CA GLU C 12 -1.60 29.17 7.43
C GLU C 12 -0.97 27.80 7.72
N TYR C 13 -1.49 26.74 7.08
CA TYR C 13 -0.88 25.42 7.21
C TYR C 13 0.58 25.48 6.73
N ILE C 14 0.81 26.06 5.56
CA ILE C 14 2.17 26.13 5.03
C ILE C 14 3.06 26.96 5.96
N SER C 15 2.52 28.05 6.50
CA SER C 15 3.27 28.84 7.46
C SER C 15 3.65 28.01 8.68
N ARG C 16 2.70 27.23 9.21
N ARG C 16 2.73 27.21 9.21
CA ARG C 16 2.97 26.44 10.40
CA ARG C 16 3.06 26.51 10.44
C ARG C 16 4.05 25.41 10.14
C ARG C 16 3.98 25.31 10.21
N VAL C 17 3.97 24.71 9.02
CA VAL C 17 4.96 23.70 8.70
C VAL C 17 6.33 24.33 8.51
N ASN C 18 6.39 25.50 7.88
CA ASN C 18 7.66 26.23 7.76
C ASN C 18 8.24 26.54 9.13
N GLY C 19 7.38 26.76 10.12
CA GLY C 19 7.88 26.93 11.47
C GLY C 19 8.08 25.64 12.24
N ARG C 20 7.88 24.49 11.61
CA ARG C 20 8.03 23.20 12.28
C ARG C 20 7.05 23.09 13.45
N ASP C 21 5.89 23.75 13.33
CA ASP C 21 4.93 23.86 14.40
C ASP C 21 3.81 22.86 14.11
N GLY C 22 4.07 21.61 14.51
CA GLY C 22 3.08 20.56 14.29
C GLY C 22 1.76 20.80 15.01
N SER C 23 1.81 21.21 16.27
CA SER C 23 0.57 21.41 17.01
C SER C 23 -0.23 22.56 16.40
N GLY C 24 0.45 23.66 16.06
CA GLY C 24 -0.24 24.75 15.39
C GLY C 24 -0.88 24.33 14.08
N ALA C 25 -0.19 23.48 13.31
CA ALA C 25 -0.80 22.96 12.09
C ALA C 25 -1.99 22.06 12.40
N ALA C 26 -1.86 21.18 13.42
CA ALA C 26 -2.95 20.28 13.79
C ALA C 26 -4.22 21.04 14.16
N ALA C 27 -4.07 22.18 14.86
CA ALA C 27 -5.23 22.97 15.29
C ALA C 27 -6.04 23.52 14.12
N LEU C 28 -5.53 23.49 12.90
CA LEU C 28 -6.28 23.91 11.71
C LEU C 28 -7.20 22.82 11.19
N PHE C 29 -7.11 21.61 11.71
CA PHE C 29 -7.87 20.48 11.19
C PHE C 29 -9.09 20.23 12.06
N ALA C 30 -10.14 19.68 11.46
CA ALA C 30 -11.22 19.11 12.24
C ALA C 30 -10.69 17.99 13.12
N GLN C 31 -11.41 17.72 14.23
CA GLN C 31 -10.99 16.64 15.14
C GLN C 31 -10.89 15.30 14.42
N ASP C 32 -11.74 15.07 13.42
CA ASP C 32 -11.60 13.89 12.58
C ASP C 32 -10.95 14.20 11.24
N GLY C 33 -10.19 15.29 11.14
CA GLY C 33 -9.42 15.58 9.95
C GLY C 33 -8.29 14.57 9.75
N GLU C 34 -7.68 14.63 8.57
CA GLU C 34 -6.61 13.68 8.29
C GLU C 34 -5.64 14.26 7.26
N ILE C 35 -4.40 13.78 7.35
CA ILE C 35 -3.41 14.06 6.32
C ILE C 35 -3.12 12.75 5.62
N ILE C 36 -3.13 12.76 4.30
CA ILE C 36 -2.75 11.61 3.49
C ILE C 36 -1.38 11.97 2.91
N ALA C 37 -0.33 11.27 3.32
CA ALA C 37 1.00 11.72 2.92
C ALA C 37 2.01 10.58 2.99
N PRO C 38 2.28 9.86 1.89
CA PRO C 38 1.59 9.99 0.61
C PRO C 38 0.34 9.13 0.59
N VAL C 39 -0.39 9.11 -0.52
CA VAL C 39 -1.49 8.17 -0.69
C VAL C 39 -1.09 6.80 -0.18
N GLY C 40 -1.95 6.17 0.66
CA GLY C 40 -1.62 4.90 1.28
C GLY C 40 -1.16 5.01 2.73
N ARG C 41 -0.82 6.20 3.20
CA ARG C 41 -0.34 6.43 4.57
C ARG C 41 -1.17 7.55 5.17
N VAL C 42 -2.07 7.25 6.11
CA VAL C 42 -3.05 8.23 6.57
C VAL C 42 -2.77 8.55 8.02
N TYR C 43 -2.82 9.83 8.35
CA TYR C 43 -2.69 10.33 9.71
C TYR C 43 -4.05 10.91 10.10
N ARG C 44 -4.81 10.19 10.94
CA ARG C 44 -6.17 10.59 11.30
C ARG C 44 -6.17 11.21 12.69
N GLY C 45 -6.69 12.43 12.81
CA GLY C 45 -6.87 13.06 14.11
C GLY C 45 -5.68 13.91 14.51
N TRP C 46 -5.90 14.72 15.55
CA TRP C 46 -4.96 15.78 15.88
C TRP C 46 -3.58 15.23 16.25
N ASP C 47 -3.54 14.20 17.09
CA ASP C 47 -2.28 13.58 17.50
C ASP C 47 -1.47 13.10 16.28
N ALA C 48 -2.11 12.35 15.39
CA ALA C 48 -1.37 11.78 14.27
C ALA C 48 -0.90 12.87 13.31
N ILE C 49 -1.70 13.91 13.13
CA ILE C 49 -1.35 15.02 12.25
C ILE C 49 -0.12 15.75 12.78
N ALA C 50 -0.13 16.09 14.08
CA ALA C 50 1.04 16.72 14.67
C ALA C 50 2.25 15.80 14.59
N ALA C 51 2.05 14.50 14.79
CA ALA C 51 3.17 13.55 14.70
C ALA C 51 3.75 13.49 13.30
N PHE C 52 2.90 13.55 12.27
CA PHE C 52 3.44 13.59 10.91
C PHE C 52 4.35 14.79 10.71
N ILE C 53 3.87 15.99 11.09
CA ILE C 53 4.66 17.21 10.90
C ILE C 53 5.98 17.11 11.62
N GLU C 54 5.96 16.54 12.83
CA GLU C 54 7.17 16.43 13.63
C GLU C 54 8.14 15.39 13.08
N ALA C 55 7.63 14.33 12.44
CA ALA C 55 8.51 13.28 11.94
C ALA C 55 9.02 13.59 10.54
N ALA C 56 8.27 14.32 9.73
CA ALA C 56 8.70 14.65 8.37
C ALA C 56 9.89 15.60 8.46
N PRO C 57 10.72 15.64 7.42
CA PRO C 57 11.94 16.48 7.48
C PRO C 57 11.58 17.94 7.73
N PRO C 58 12.50 18.73 8.27
CA PRO C 58 12.27 20.18 8.38
C PRO C 58 12.10 20.81 7.00
N ALA C 59 10.91 21.38 6.77
CA ALA C 59 10.51 21.88 5.46
C ALA C 59 10.74 23.39 5.35
N THR C 60 11.28 23.81 4.21
CA THR C 60 11.24 25.20 3.79
C THR C 60 10.63 25.25 2.40
N THR C 61 9.46 25.84 2.29
CA THR C 61 8.78 25.90 1.02
C THR C 61 9.19 27.15 0.26
N ALA C 62 9.06 27.07 -1.05
CA ALA C 62 9.32 28.20 -1.92
C ALA C 62 8.36 28.08 -3.08
N GLN C 63 8.17 29.21 -3.76
CA GLN C 63 7.44 29.24 -5.03
C GLN C 63 6.07 28.61 -4.91
N ILE C 64 5.38 28.90 -3.79
CA ILE C 64 4.02 28.43 -3.61
C ILE C 64 3.13 29.10 -4.64
N ALA C 65 2.41 28.31 -5.42
CA ALA C 65 1.45 28.83 -6.38
C ALA C 65 0.09 28.23 -6.10
N GLU C 66 -0.93 29.08 -6.11
CA GLU C 66 -2.31 28.65 -5.94
C GLU C 66 -2.81 28.13 -7.29
N ARG C 67 -2.94 26.82 -7.42
CA ARG C 67 -3.44 26.25 -8.68
C ARG C 67 -4.97 26.16 -8.73
N THR C 68 -5.60 25.85 -7.60
CA THR C 68 -7.04 25.78 -7.47
C THR C 68 -7.43 26.50 -6.20
N MSE C 69 -8.46 27.31 -6.31
CA MSE C 69 -8.91 28.06 -5.16
C MSE C 69 -10.43 28.19 -5.20
O MSE C 69 -11.00 28.63 -6.19
CB MSE C 69 -8.23 29.41 -5.16
CG MSE C 69 -8.18 30.08 -3.84
SE MSE C 69 -8.40 31.96 -4.20
CE MSE C 69 -10.01 32.26 -3.13
N GLY C 70 -11.08 27.76 -4.13
CA GLY C 70 -12.52 27.87 -4.01
C GLY C 70 -12.88 27.92 -2.55
N THR C 71 -14.18 28.01 -2.28
CA THR C 71 -14.64 28.05 -0.90
C THR C 71 -14.30 26.78 -0.14
N HIS C 72 -14.25 25.62 -0.81
CA HIS C 72 -14.10 24.35 -0.13
C HIS C 72 -12.90 23.52 -0.54
N ARG C 73 -12.17 23.90 -1.58
CA ARG C 73 -11.03 23.10 -2.00
C ARG C 73 -9.96 24.06 -2.53
N VAL C 74 -8.73 23.79 -2.13
CA VAL C 74 -7.56 24.59 -2.47
C VAL C 74 -6.43 23.63 -2.86
N VAL C 75 -5.78 23.89 -3.99
CA VAL C 75 -4.62 23.14 -4.41
C VAL C 75 -3.46 24.12 -4.49
N LEU C 76 -2.42 23.87 -3.72
CA LEU C 76 -1.18 24.64 -3.80
C LEU C 76 -0.10 23.77 -4.43
N HIS C 77 0.71 24.36 -5.31
CA HIS C 77 1.92 23.71 -5.75
C HIS C 77 3.10 24.51 -5.22
N GLY C 78 4.16 23.81 -4.84
CA GLY C 78 5.33 24.47 -4.30
C GLY C 78 6.54 23.57 -4.40
N VAL C 79 7.67 24.19 -4.09
CA VAL C 79 8.97 23.53 -4.08
C VAL C 79 9.36 23.38 -2.62
N VAL C 80 9.80 22.19 -2.25
CA VAL C 80 10.25 21.95 -0.88
C VAL C 80 11.75 21.71 -0.92
N GLN C 81 12.47 22.49 -0.11
CA GLN C 81 13.91 22.34 0.05
C GLN C 81 14.15 21.58 1.35
N THR C 82 15.00 20.57 1.28
CA THR C 82 15.26 19.69 2.41
C THR C 82 16.74 19.33 2.43
N PRO C 83 17.27 18.93 3.59
CA PRO C 83 18.71 18.68 3.68
C PRO C 83 19.24 17.54 2.81
N ARG C 84 18.39 16.59 2.38
CA ARG C 84 18.90 15.36 1.78
C ARG C 84 18.76 15.27 0.26
N PHE C 85 17.80 15.99 -0.34
CA PHE C 85 17.36 15.78 -1.71
C PHE C 85 17.40 17.07 -2.51
N ALA C 86 17.48 16.92 -3.84
CA ALA C 86 17.18 17.97 -4.79
C ALA C 86 15.81 18.59 -4.51
N PRO C 87 15.59 19.86 -4.89
CA PRO C 87 14.28 20.48 -4.63
C PRO C 87 13.14 19.67 -5.23
N ALA C 88 12.09 19.47 -4.45
CA ALA C 88 10.99 18.60 -4.82
C ALA C 88 9.72 19.39 -5.06
N GLN C 89 9.07 19.12 -6.19
CA GLN C 89 7.78 19.72 -6.48
C GLN C 89 6.70 18.98 -5.70
N ILE C 90 6.00 19.69 -4.85
CA ILE C 90 5.02 19.09 -3.97
C ILE C 90 3.67 19.68 -4.30
N GLU C 91 2.64 18.88 -4.16
CA GLU C 91 1.27 19.35 -4.36
C GLU C 91 0.49 19.11 -3.07
N TRP C 92 -0.19 20.16 -2.57
CA TRP C 92 -1.00 20.07 -1.36
C TRP C 92 -2.45 20.25 -1.77
N ILE C 93 -3.28 19.24 -1.52
CA ILE C 93 -4.72 19.34 -1.85
C ILE C 93 -5.49 19.43 -0.55
N PHE C 94 -6.13 20.58 -0.32
CA PHE C 94 -6.86 20.83 0.92
C PHE C 94 -8.35 20.70 0.65
N ASP C 95 -9.03 19.83 1.41
CA ASP C 95 -10.49 19.80 1.45
C ASP C 95 -10.91 20.45 2.77
N VAL C 96 -11.73 21.49 2.68
CA VAL C 96 -12.10 22.33 3.80
C VAL C 96 -13.60 22.28 3.99
N ASP C 97 -14.02 22.20 5.24
CA ASP C 97 -15.42 22.38 5.56
C ASP C 97 -15.50 22.95 6.97
N GLY C 98 -16.47 23.83 7.18
CA GLY C 98 -16.71 24.38 8.51
C GLY C 98 -15.54 25.14 9.09
N ASP C 99 -14.81 25.89 8.26
CA ASP C 99 -13.69 26.70 8.70
C ASP C 99 -12.55 25.87 9.29
N ARG C 100 -12.50 24.57 9.00
CA ARG C 100 -11.36 23.70 9.32
C ARG C 100 -11.01 22.82 8.14
N ILE C 101 -9.77 22.31 8.16
CA ILE C 101 -9.33 21.35 7.15
C ILE C 101 -9.87 19.97 7.51
N ARG C 102 -10.60 19.35 6.56
CA ARG C 102 -11.03 17.99 6.81
C ARG C 102 -10.02 16.98 6.26
N ARG C 103 -9.38 17.28 5.13
CA ARG C 103 -8.39 16.36 4.59
C ARG C 103 -7.34 17.17 3.84
N LEU C 104 -6.07 16.79 4.04
CA LEU C 104 -4.95 17.29 3.25
C LEU C 104 -4.28 16.08 2.61
N THR C 105 -4.15 16.08 1.29
CA THR C 105 -3.44 15.05 0.55
C THR C 105 -2.18 15.69 -0.01
N ILE C 106 -1.03 15.08 0.24
CA ILE C 106 0.27 15.63 -0.18
C ILE C 106 0.85 14.68 -1.21
N ASN C 107 1.01 15.15 -2.45
CA ASN C 107 1.56 14.37 -3.55
C ASN C 107 2.96 14.89 -3.88
N HIS C 108 3.90 13.98 -4.08
CA HIS C 108 5.19 14.36 -4.61
C HIS C 108 5.08 14.29 -6.14
N LEU C 109 5.15 15.45 -6.80
CA LEU C 109 5.04 15.49 -8.26
C LEU C 109 6.36 15.09 -8.92
N ARG C 110 6.27 14.25 -9.95
CA ARG C 110 7.46 13.72 -10.62
C ARG C 110 7.95 14.67 -11.69
N ALA D 3 4.05 -26.07 24.39
CA ALA D 3 4.23 -27.49 24.16
C ALA D 3 3.94 -27.83 22.69
N MSE D 4 2.98 -27.10 22.11
CA MSE D 4 2.64 -27.26 20.69
C MSE D 4 3.82 -26.88 19.78
O MSE D 4 4.34 -25.77 19.89
CB MSE D 4 1.42 -26.40 20.33
CG MSE D 4 0.07 -26.90 20.85
SE MSE D 4 -1.47 -26.11 19.86
CE MSE D 4 -2.83 -26.17 21.28
N ALA D 5 4.21 -27.78 18.88
CA ALA D 5 5.25 -27.46 17.90
C ALA D 5 4.70 -26.50 16.83
N ALA D 6 5.62 -25.98 16.01
CA ALA D 6 5.23 -24.98 15.01
C ALA D 6 4.17 -25.54 14.06
N ILE D 7 4.37 -26.77 13.59
CA ILE D 7 3.40 -27.41 12.71
C ILE D 7 2.07 -27.61 13.42
N ASP D 8 2.11 -27.82 14.74
CA ASP D 8 0.86 -27.98 15.48
C ASP D 8 0.15 -26.65 15.61
N LEU D 9 0.90 -25.55 15.82
CA LEU D 9 0.28 -24.23 15.84
C LEU D 9 -0.42 -23.94 14.53
N ALA D 10 0.24 -24.25 13.40
CA ALA D 10 -0.32 -23.95 12.08
C ALA D 10 -1.58 -24.76 11.82
N ARG D 11 -1.54 -26.06 12.12
CA ARG D 11 -2.73 -26.89 11.94
C ARG D 11 -3.86 -26.42 12.83
N GLU D 12 -3.55 -26.02 14.07
CA GLU D 12 -4.62 -25.56 14.95
C GLU D 12 -5.17 -24.21 14.52
N TYR D 13 -4.33 -23.34 13.97
CA TYR D 13 -4.84 -22.08 13.41
C TYR D 13 -5.88 -22.35 12.32
N ILE D 14 -5.55 -23.21 11.36
CA ILE D 14 -6.47 -23.54 10.27
C ILE D 14 -7.74 -24.15 10.83
N SER D 15 -7.62 -25.02 11.83
CA SER D 15 -8.79 -25.65 12.41
C SER D 15 -9.67 -24.64 13.12
N ARG D 16 -9.08 -23.67 13.82
CA ARG D 16 -9.88 -22.67 14.52
C ARG D 16 -10.52 -21.69 13.55
N VAL D 17 -9.84 -21.39 12.43
CA VAL D 17 -10.45 -20.53 11.43
C VAL D 17 -11.58 -21.26 10.74
N ASN D 18 -11.36 -22.53 10.37
CA ASN D 18 -12.43 -23.33 9.79
C ASN D 18 -13.61 -23.42 10.74
N GLY D 19 -13.37 -23.33 12.04
CA GLY D 19 -14.45 -23.29 13.00
C GLY D 19 -14.98 -21.91 13.33
N ARG D 20 -14.51 -20.88 12.63
CA ARG D 20 -14.99 -19.51 12.81
C ARG D 20 -14.81 -19.03 14.26
N ASP D 21 -13.66 -19.36 14.84
CA ASP D 21 -13.38 -19.07 16.24
C ASP D 21 -12.23 -18.08 16.27
N GLY D 22 -12.54 -16.79 16.05
CA GLY D 22 -11.48 -15.79 15.97
C GLY D 22 -10.73 -15.60 17.28
N SER D 23 -11.46 -15.62 18.40
N SER D 23 -11.45 -15.66 18.40
CA SER D 23 -10.80 -15.52 19.69
CA SER D 23 -10.78 -15.50 19.69
C SER D 23 -9.82 -16.68 19.88
C SER D 23 -9.86 -16.69 19.98
N GLY D 24 -10.26 -17.88 19.57
CA GLY D 24 -9.41 -19.04 19.77
C GLY D 24 -8.21 -19.03 18.84
N ALA D 25 -8.39 -18.56 17.61
CA ALA D 25 -7.23 -18.45 16.72
C ALA D 25 -6.26 -17.37 17.21
N ALA D 26 -6.78 -16.21 17.66
CA ALA D 26 -5.92 -15.17 18.20
C ALA D 26 -5.07 -15.68 19.36
N ALA D 27 -5.65 -16.53 20.22
CA ALA D 27 -4.95 -17.05 21.40
C ALA D 27 -3.73 -17.90 21.04
N LEU D 28 -3.56 -18.27 19.78
CA LEU D 28 -2.36 -18.95 19.29
C LEU D 28 -1.19 -18.01 19.02
N PHE D 29 -1.43 -16.69 19.00
CA PHE D 29 -0.44 -15.69 18.59
C PHE D 29 0.23 -15.06 19.81
N ALA D 30 1.46 -14.58 19.62
CA ALA D 30 2.08 -13.70 20.59
C ALA D 30 1.15 -12.50 20.83
N GLN D 31 1.26 -11.88 22.00
CA GLN D 31 0.37 -10.74 22.26
C GLN D 31 0.59 -9.62 21.25
N ASP D 32 1.81 -9.46 20.76
CA ASP D 32 2.10 -8.51 19.70
C ASP D 32 2.33 -9.21 18.37
N GLY D 33 1.73 -10.39 18.20
CA GLY D 33 1.78 -11.09 16.92
C GLY D 33 0.89 -10.42 15.88
N GLU D 34 1.04 -10.83 14.63
CA GLU D 34 0.30 -10.14 13.57
C GLU D 34 -0.07 -11.10 12.46
N ILE D 35 -1.16 -10.76 11.76
CA ILE D 35 -1.51 -11.37 10.48
C ILE D 35 -1.29 -10.31 9.39
N ILE D 36 -0.51 -10.67 8.40
CA ILE D 36 -0.35 -9.86 7.19
C ILE D 36 -1.22 -10.50 6.11
N ALA D 37 -2.28 -9.81 5.69
CA ALA D 37 -3.22 -10.49 4.79
C ALA D 37 -4.04 -9.49 3.97
N PRO D 38 -3.59 -9.13 2.75
CA PRO D 38 -2.32 -9.51 2.14
C PRO D 38 -1.22 -8.55 2.57
N VAL D 39 -0.01 -8.73 2.02
CA VAL D 39 1.10 -7.80 2.21
C VAL D 39 0.58 -6.38 2.06
N GLY D 40 0.88 -5.53 3.05
CA GLY D 40 0.42 -4.16 3.07
C GLY D 40 -0.78 -3.92 3.96
N ARG D 41 -1.39 -4.98 4.48
CA ARG D 41 -2.57 -4.88 5.32
C ARG D 41 -2.31 -5.73 6.55
N VAL D 42 -2.05 -5.08 7.68
CA VAL D 42 -1.48 -5.75 8.84
C VAL D 42 -2.47 -5.70 10.00
N TYR D 43 -2.71 -6.86 10.62
CA TYR D 43 -3.59 -7.00 11.79
C TYR D 43 -2.69 -7.33 12.98
N ARG D 44 -2.41 -6.32 13.80
N ARG D 44 -2.40 -6.32 13.81
CA ARG D 44 -1.47 -6.45 14.91
CA ARG D 44 -1.47 -6.45 14.92
C ARG D 44 -2.22 -6.61 16.23
C ARG D 44 -2.23 -6.62 16.22
N GLY D 45 -1.95 -7.71 16.93
CA GLY D 45 -2.54 -7.94 18.23
C GLY D 45 -3.82 -8.75 18.14
N TRP D 46 -4.23 -9.31 19.29
CA TRP D 46 -5.34 -10.26 19.33
C TRP D 46 -6.65 -9.67 18.84
N ASP D 47 -7.00 -8.44 19.26
CA ASP D 47 -8.25 -7.84 18.79
C ASP D 47 -8.28 -7.74 17.26
N ALA D 48 -7.20 -7.23 16.65
CA ALA D 48 -7.20 -7.11 15.19
C ALA D 48 -7.23 -8.47 14.51
N ILE D 49 -6.52 -9.46 15.07
CA ILE D 49 -6.50 -10.80 14.47
C ILE D 49 -7.89 -11.41 14.50
N ALA D 50 -8.57 -11.33 15.66
CA ALA D 50 -9.97 -11.77 15.72
C ALA D 50 -10.84 -11.04 14.70
N ALA D 51 -10.58 -9.74 14.50
CA ALA D 51 -11.38 -8.95 13.54
C ALA D 51 -11.16 -9.44 12.11
N PHE D 52 -9.92 -9.73 11.73
CA PHE D 52 -9.67 -10.31 10.42
C PHE D 52 -10.46 -11.59 10.21
N ILE D 53 -10.32 -12.54 11.15
N ILE D 53 -10.36 -12.53 11.15
CA ILE D 53 -10.98 -13.84 11.03
CA ILE D 53 -10.99 -13.84 10.96
C ILE D 53 -12.48 -13.65 10.85
C ILE D 53 -12.50 -13.69 10.87
N GLU D 54 -13.07 -12.75 11.62
CA GLU D 54 -14.51 -12.55 11.57
C GLU D 54 -14.95 -11.88 10.26
N ALA D 55 -14.09 -11.02 9.69
CA ALA D 55 -14.43 -10.27 8.48
C ALA D 55 -14.08 -11.02 7.19
N ALA D 56 -13.07 -11.89 7.23
CA ALA D 56 -12.65 -12.62 6.05
C ALA D 56 -13.71 -13.65 5.67
N PRO D 57 -13.76 -14.04 4.39
CA PRO D 57 -14.78 -15.02 3.96
C PRO D 57 -14.71 -16.26 4.83
N PRO D 58 -15.86 -16.86 5.15
CA PRO D 58 -15.83 -18.12 5.90
C PRO D 58 -15.12 -19.23 5.13
N ALA D 59 -14.75 -18.96 3.87
CA ALA D 59 -14.34 -19.98 2.93
C ALA D 59 -13.20 -20.83 3.48
N THR D 60 -13.24 -22.10 3.12
CA THR D 60 -12.58 -23.15 3.87
C THR D 60 -11.45 -23.77 3.07
N THR D 61 -10.37 -24.07 3.77
CA THR D 61 -9.21 -24.75 3.21
C THR D 61 -9.48 -26.24 3.19
N ALA D 62 -9.37 -26.84 2.01
CA ALA D 62 -9.71 -28.24 1.83
C ALA D 62 -8.46 -29.11 1.74
N GLN D 63 -7.71 -28.96 0.66
CA GLN D 63 -6.55 -29.81 0.39
C GLN D 63 -5.26 -29.15 0.86
N ILE D 64 -5.20 -28.90 2.17
CA ILE D 64 -4.02 -28.31 2.80
C ILE D 64 -2.81 -29.21 2.63
N ALA D 65 -1.73 -28.65 2.09
CA ALA D 65 -0.48 -29.37 1.93
C ALA D 65 0.56 -28.69 2.80
N GLU D 66 1.35 -29.50 3.50
CA GLU D 66 2.42 -28.98 4.35
C GLU D 66 3.70 -28.88 3.51
N ARG D 67 4.00 -27.67 2.99
CA ARG D 67 5.14 -27.50 2.09
C ARG D 67 6.46 -27.40 2.85
N THR D 68 6.51 -26.53 3.86
CA THR D 68 7.67 -26.31 4.70
C THR D 68 7.28 -26.54 6.14
N MSE D 69 8.11 -27.24 6.89
CA MSE D 69 7.93 -27.20 8.31
C MSE D 69 9.27 -27.32 9.03
O MSE D 69 10.20 -27.97 8.56
CB MSE D 69 7.01 -28.31 8.77
CG MSE D 69 7.66 -29.64 8.59
SE MSE D 69 6.65 -31.08 9.37
CE MSE D 69 5.37 -31.32 7.91
N GLY D 70 9.35 -26.64 10.16
CA GLY D 70 10.51 -26.70 11.01
C GLY D 70 10.12 -26.25 12.40
N THR D 71 11.13 -26.13 13.26
CA THR D 71 10.83 -25.73 14.63
C THR D 71 10.31 -24.29 14.72
N HIS D 72 10.64 -23.40 13.75
CA HIS D 72 10.20 -22.02 13.85
C HIS D 72 9.50 -21.47 12.61
N ARG D 73 9.32 -22.25 11.56
CA ARG D 73 8.64 -21.73 10.38
C ARG D 73 7.82 -22.84 9.74
N VAL D 74 6.65 -22.49 9.22
CA VAL D 74 5.77 -23.45 8.55
C VAL D 74 5.13 -22.74 7.36
N VAL D 75 5.07 -23.43 6.23
CA VAL D 75 4.35 -22.94 5.05
C VAL D 75 3.31 -23.97 4.69
N LEU D 76 2.04 -23.56 4.64
CA LEU D 76 0.95 -24.40 4.17
C LEU D 76 0.44 -23.86 2.86
N HIS D 77 0.05 -24.76 1.95
CA HIS D 77 -0.64 -24.38 0.73
C HIS D 77 -1.99 -25.08 0.71
N GLY D 78 -3.03 -24.36 0.26
CA GLY D 78 -4.29 -25.03 0.07
C GLY D 78 -5.13 -24.25 -0.91
N VAL D 79 -6.22 -24.88 -1.34
CA VAL D 79 -7.15 -24.29 -2.30
C VAL D 79 -8.39 -23.88 -1.53
N VAL D 80 -8.78 -22.62 -1.65
CA VAL D 80 -10.00 -22.13 -1.04
C VAL D 80 -11.01 -21.95 -2.16
N GLN D 81 -12.25 -22.38 -1.90
CA GLN D 81 -13.32 -22.31 -2.88
C GLN D 81 -14.40 -21.40 -2.32
N THR D 82 -14.69 -20.34 -3.05
CA THR D 82 -15.56 -19.26 -2.63
C THR D 82 -16.70 -19.14 -3.61
N PRO D 83 -17.86 -18.63 -3.19
CA PRO D 83 -19.03 -18.65 -4.07
C PRO D 83 -18.86 -17.91 -5.40
N ARG D 84 -18.03 -16.86 -5.45
CA ARG D 84 -18.00 -15.97 -6.61
C ARG D 84 -16.65 -15.92 -7.30
N PHE D 85 -15.70 -16.75 -6.91
CA PHE D 85 -14.38 -16.79 -7.53
C PHE D 85 -14.06 -18.21 -7.97
N ALA D 86 -13.14 -18.33 -8.92
CA ALA D 86 -12.53 -19.60 -9.22
C ALA D 86 -11.76 -20.07 -8.00
N PRO D 87 -11.51 -21.37 -7.88
CA PRO D 87 -10.68 -21.84 -6.77
C PRO D 87 -9.35 -21.07 -6.73
N ALA D 88 -8.94 -20.68 -5.53
CA ALA D 88 -7.78 -19.82 -5.34
C ALA D 88 -6.74 -20.59 -4.55
N GLN D 89 -5.51 -20.60 -5.06
CA GLN D 89 -4.38 -21.19 -4.35
C GLN D 89 -3.85 -20.19 -3.33
N ILE D 90 -3.86 -20.57 -2.04
CA ILE D 90 -3.50 -19.69 -0.93
C ILE D 90 -2.26 -20.25 -0.24
N GLU D 91 -1.36 -19.36 0.20
CA GLU D 91 -0.14 -19.74 0.90
C GLU D 91 -0.17 -19.08 2.28
N TRP D 92 -0.01 -19.89 3.32
CA TRP D 92 0.06 -19.39 4.69
C TRP D 92 1.48 -19.57 5.22
N ILE D 93 2.13 -18.49 5.65
CA ILE D 93 3.50 -18.56 6.14
C ILE D 93 3.50 -18.20 7.61
N PHE D 94 3.81 -19.17 8.47
CA PHE D 94 3.80 -18.97 9.92
C PHE D 94 5.24 -18.83 10.42
N ASP D 95 5.53 -17.70 11.08
CA ASP D 95 6.75 -17.54 11.88
C ASP D 95 6.39 -17.75 13.35
N VAL D 96 7.08 -18.69 13.99
CA VAL D 96 6.73 -19.22 15.30
C VAL D 96 7.92 -19.00 16.23
N ASP D 97 7.66 -18.48 17.43
CA ASP D 97 8.67 -18.40 18.46
C ASP D 97 8.01 -18.62 19.80
N GLY D 98 8.65 -19.43 20.65
CA GLY D 98 8.19 -19.54 22.03
C GLY D 98 6.80 -20.12 22.17
N ASP D 99 6.46 -21.11 21.35
CA ASP D 99 5.18 -21.81 21.34
C ASP D 99 4.02 -20.92 20.90
N ARG D 100 4.29 -19.81 20.21
CA ARG D 100 3.21 -18.96 19.73
C ARG D 100 3.54 -18.45 18.34
N ILE D 101 2.50 -18.10 17.60
CA ILE D 101 2.70 -17.55 16.26
C ILE D 101 3.08 -16.09 16.40
N ARG D 102 4.24 -15.72 15.87
CA ARG D 102 4.66 -14.34 15.90
C ARG D 102 4.12 -13.57 14.71
N ARG D 103 4.01 -14.24 13.57
CA ARG D 103 3.53 -13.62 12.35
C ARG D 103 2.97 -14.69 11.43
N LEU D 104 1.83 -14.38 10.82
CA LEU D 104 1.25 -15.18 9.76
C LEU D 104 1.14 -14.27 8.55
N THR D 105 1.75 -14.64 7.43
CA THR D 105 1.57 -13.95 6.16
C THR D 105 0.72 -14.80 5.24
N ILE D 106 -0.35 -14.22 4.67
CA ILE D 106 -1.24 -14.93 3.78
C ILE D 106 -1.07 -14.37 2.36
N ASN D 107 -0.63 -15.21 1.42
CA ASN D 107 -0.40 -14.82 0.05
C ASN D 107 -1.42 -15.52 -0.83
N HIS D 108 -2.00 -14.77 -1.76
CA HIS D 108 -2.84 -15.38 -2.79
C HIS D 108 -1.93 -15.67 -3.98
N LEU D 109 -1.67 -16.95 -4.23
CA LEU D 109 -0.75 -17.34 -5.31
C LEU D 109 -1.45 -17.21 -6.66
N ARG D 110 -0.73 -16.65 -7.62
CA ARG D 110 -1.28 -16.37 -8.94
C ARG D 110 -1.02 -17.53 -9.86
N ASP D 111 -2.02 -17.86 -10.69
CA ASP D 111 -1.90 -18.89 -11.71
C ASP D 111 -0.67 -18.66 -12.59
C1 GOL E . -6.47 -3.74 8.15
O1 GOL E . -7.61 -3.35 7.37
C2 GOL E . -6.38 -2.96 9.47
O2 GOL E . -7.60 -2.31 9.75
C3 GOL E . -6.02 -3.90 10.61
O3 GOL E . -6.45 -3.41 11.86
C1 GOL F . -5.86 -0.52 -4.26
O1 GOL F . -4.94 -0.21 -3.23
C2 GOL F . -6.74 -1.70 -3.83
O2 GOL F . -6.02 -2.90 -3.97
C3 GOL F . -7.97 -1.74 -4.74
O3 GOL F . -7.70 -0.91 -5.87
CL CL G . -6.88 -17.58 7.23
CL CL H . -8.50 -0.37 -8.81
CL CL I . 11.90 -1.16 -2.86
CL CL J . 3.61 19.47 4.54
C1 GOL K . 1.78 1.94 5.16
O1 GOL K . 0.97 2.99 5.68
C2 GOL K . 1.02 0.61 5.13
O2 GOL K . -0.33 0.84 5.47
C3 GOL K . 1.23 -0.21 3.83
O3 GOL K . 0.05 -0.56 3.09
C1 GOL L . -2.93 1.33 2.48
O1 GOL L . -1.51 1.49 2.44
C2 GOL L . -3.14 0.39 3.66
O2 GOL L . -3.03 1.07 4.90
C3 GOL L . -4.33 -0.55 3.56
O3 GOL L . -4.22 -1.40 4.68
C1 GOL M . 9.10 -11.09 12.30
O1 GOL M . 7.98 -10.28 12.57
C2 GOL M . 8.71 -12.55 12.38
O2 GOL M . 9.00 -13.14 11.14
C3 GOL M . 9.50 -13.23 13.51
O3 GOL M . 10.11 -14.43 13.11
#